data_4YUV
#
_entry.id   4YUV
#
_cell.length_a   44.354
_cell.length_b   92.364
_cell.length_c   68.269
_cell.angle_alpha   90.00
_cell.angle_beta   99.76
_cell.angle_gamma   90.00
#
_symmetry.space_group_name_H-M   'P 1 21 1'
#
loop_
_entity.id
_entity.type
_entity.pdbx_description
1 polymer 'Spermidine synthase, putative'
2 non-polymer "5'-[(S)-(3-AMINOPROPYL)(METHYL)-LAMBDA~4~-SULFANYL]-5'-DEOXYADENOSINE"
3 water water
#
_entity_poly.entity_id   1
_entity_poly.type   'polypeptide(L)'
_entity_poly.pdbx_seq_one_letter_code
;MAHHHHHHMPGSELISGGWFREENDQWPGQAMSLRVEKVLYDAPTKFQHLTIFESDPKGPWGTVMALDGCIQVTDYDEFV
YHEVLGHTSLCSHPKPERVLIIGGGDGGVLREVLRHGTVEHCDLVDIDGEVMEQSKQHFPQISRSLADPRATVRVGDGLA
FVRQTPDNTYDVVIIDTTDPAGPASKLFGEAFYKDVLRILKPDGICCNQGESIWLDLELIEKMSRFIRETGFASVQYALM
HVPTYPCGSIGTLVCSKKAGVDVTKPLRPVEDMPFAKDLKYYDSEMHKASFALPRFARHINNSE
;
_entity_poly.pdbx_strand_id   A,B
#
loop_
_chem_comp.id
_chem_comp.type
_chem_comp.name
_chem_comp.formula
S4M non-polymer 5'-[(S)-(3-AMINOPROPYL)(METHYL)-LAMBDA~4~-SULFANYL]-5'-DEOXYADENOSINE 'C14 H24 N6 O3 S'
#
# COMPACT_ATOMS: atom_id res chain seq x y z
N ILE A 15 4.80 -20.76 -18.42
CA ILE A 15 6.00 -21.16 -19.22
C ILE A 15 6.74 -19.85 -19.50
N SER A 16 8.02 -19.95 -19.87
CA SER A 16 8.87 -18.83 -20.24
C SER A 16 8.19 -17.94 -21.28
N GLY A 17 8.14 -16.61 -21.01
CA GLY A 17 7.34 -15.68 -21.78
C GLY A 17 5.82 -15.54 -21.54
N GLY A 18 5.20 -16.50 -20.84
CA GLY A 18 3.78 -16.41 -20.38
C GLY A 18 3.64 -15.58 -19.06
N TRP A 19 2.45 -15.59 -18.48
CA TRP A 19 2.10 -14.68 -17.34
C TRP A 19 1.51 -15.54 -16.26
N PHE A 20 2.17 -15.69 -15.10
CA PHE A 20 1.51 -16.25 -13.89
C PHE A 20 0.42 -15.30 -13.46
N ARG A 21 -0.81 -15.75 -13.50
CA ARG A 21 -1.95 -14.89 -13.25
C ARG A 21 -2.63 -15.35 -12.02
N GLU A 22 -2.73 -14.47 -11.00
CA GLU A 22 -3.47 -14.79 -9.74
C GLU A 22 -4.88 -14.23 -9.79
N GLU A 23 -5.87 -15.13 -9.94
CA GLU A 23 -7.29 -14.76 -9.76
C GLU A 23 -7.99 -15.83 -8.92
N ASN A 24 -8.92 -15.38 -8.04
CA ASN A 24 -9.72 -16.24 -7.17
C ASN A 24 -11.21 -15.86 -7.20
N PRO A 28 -12.82 -10.93 -7.23
CA PRO A 28 -13.67 -11.13 -8.39
C PRO A 28 -13.58 -10.06 -9.51
N GLY A 29 -13.06 -10.46 -10.67
CA GLY A 29 -12.92 -9.52 -11.77
C GLY A 29 -11.64 -8.73 -11.65
N GLN A 30 -10.68 -9.28 -10.92
CA GLN A 30 -9.40 -8.67 -10.85
C GLN A 30 -8.37 -9.81 -10.84
N ALA A 31 -7.17 -9.51 -11.32
CA ALA A 31 -6.06 -10.46 -11.22
C ALA A 31 -4.77 -9.69 -11.19
N MET A 32 -3.82 -10.16 -10.42
CA MET A 32 -2.48 -9.55 -10.50
C MET A 32 -1.65 -10.56 -11.26
N SER A 33 -0.78 -10.06 -12.12
CA SER A 33 -0.05 -11.03 -12.94
C SER A 33 1.42 -10.74 -12.98
N LEU A 34 2.24 -11.79 -13.04
CA LEU A 34 3.70 -11.60 -13.11
C LEU A 34 4.24 -12.38 -14.37
N ARG A 35 5.12 -11.75 -15.16
CA ARG A 35 5.69 -12.39 -16.40
C ARG A 35 6.69 -13.42 -15.98
N VAL A 36 6.62 -14.56 -16.66
CA VAL A 36 7.57 -15.68 -16.35
C VAL A 36 8.75 -15.76 -17.27
N GLU A 37 9.96 -15.86 -16.70
CA GLU A 37 11.18 -16.17 -17.44
C GLU A 37 11.51 -17.66 -17.48
N LYS A 38 11.47 -18.31 -16.31
CA LYS A 38 11.63 -19.77 -16.26
C LYS A 38 10.84 -20.46 -15.12
N VAL A 39 10.04 -21.52 -15.43
CA VAL A 39 9.40 -22.38 -14.38
C VAL A 39 10.42 -23.36 -13.77
N LEU A 40 10.58 -23.29 -12.43
CA LEU A 40 11.58 -24.13 -11.75
C LEU A 40 10.96 -25.40 -11.16
N TYR A 41 9.70 -25.33 -10.73
CA TYR A 41 9.04 -26.38 -9.97
C TYR A 41 7.59 -26.13 -10.06
N ASP A 42 6.81 -27.18 -10.35
CA ASP A 42 5.38 -27.04 -10.37
C ASP A 42 4.72 -28.40 -10.16
N ALA A 43 4.37 -28.76 -8.92
CA ALA A 43 3.89 -30.15 -8.64
C ALA A 43 2.98 -30.17 -7.44
N PRO A 44 2.12 -31.20 -7.33
CA PRO A 44 1.42 -31.50 -6.10
C PRO A 44 2.31 -31.92 -4.94
N THR A 45 2.10 -31.30 -3.76
CA THR A 45 2.66 -31.85 -2.56
C THR A 45 1.57 -32.80 -1.93
N LYS A 46 1.79 -33.21 -0.67
CA LYS A 46 0.79 -34.02 0.00
C LYS A 46 -0.47 -33.18 0.28
N PHE A 47 -0.35 -31.84 0.22
CA PHE A 47 -1.44 -30.95 0.65
C PHE A 47 -1.87 -29.81 -0.28
N GLN A 48 -0.99 -29.38 -1.17
CA GLN A 48 -1.13 -28.14 -1.96
C GLN A 48 -0.40 -28.21 -3.27
N HIS A 49 -0.80 -27.34 -4.18
CA HIS A 49 -0.13 -27.24 -5.41
C HIS A 49 0.90 -26.17 -5.33
N LEU A 50 2.14 -26.59 -5.41
CA LEU A 50 3.26 -25.64 -5.21
C LEU A 50 3.94 -25.29 -6.51
N THR A 51 4.10 -24.01 -6.77
CA THR A 51 4.76 -23.53 -8.00
C THR A 51 5.87 -22.52 -7.71
N ILE A 52 7.01 -22.69 -8.33
CA ILE A 52 8.07 -21.75 -8.16
C ILE A 52 8.55 -21.40 -9.57
N PHE A 53 8.65 -20.11 -9.87
CA PHE A 53 9.21 -19.65 -11.17
C PHE A 53 10.11 -18.39 -11.02
N GLU A 54 11.09 -18.20 -11.92
CA GLU A 54 11.81 -16.90 -12.07
C GLU A 54 11.03 -15.99 -13.01
N SER A 55 10.69 -14.77 -12.54
CA SER A 55 9.91 -13.81 -13.30
C SER A 55 10.91 -13.05 -14.21
N ASP A 56 10.32 -12.29 -15.10
CA ASP A 56 11.04 -11.64 -16.23
C ASP A 56 12.19 -10.78 -15.69
N PRO A 57 13.45 -10.99 -16.14
CA PRO A 57 14.50 -10.20 -15.44
C PRO A 57 14.56 -8.70 -15.78
N LYS A 58 13.75 -8.26 -16.74
CA LYS A 58 13.54 -6.83 -17.05
C LYS A 58 12.71 -6.15 -15.96
N GLY A 59 12.02 -6.96 -15.13
CA GLY A 59 11.30 -6.50 -13.91
C GLY A 59 12.11 -6.80 -12.66
N PRO A 60 11.64 -6.36 -11.48
CA PRO A 60 12.47 -6.47 -10.28
C PRO A 60 12.13 -7.70 -9.39
N TRP A 61 11.08 -8.44 -9.75
CA TRP A 61 10.50 -9.47 -8.90
C TRP A 61 11.36 -10.65 -8.53
N GLY A 62 12.22 -11.14 -9.44
CA GLY A 62 13.04 -12.34 -9.11
C GLY A 62 12.16 -13.58 -9.08
N THR A 63 12.50 -14.49 -8.15
CA THR A 63 11.93 -15.82 -7.99
C THR A 63 10.64 -15.67 -7.20
N VAL A 64 9.60 -16.39 -7.63
CA VAL A 64 8.26 -16.33 -7.11
C VAL A 64 7.74 -17.70 -6.64
N MET A 65 7.04 -17.75 -5.49
CA MET A 65 6.51 -18.99 -5.00
C MET A 65 5.02 -18.79 -4.84
N ALA A 66 4.27 -19.73 -5.37
CA ALA A 66 2.81 -19.73 -5.15
C ALA A 66 2.25 -21.03 -4.57
N LEU A 67 1.13 -20.98 -3.84
CA LEU A 67 0.49 -22.21 -3.33
C LEU A 67 -0.95 -22.12 -3.71
N ASP A 68 -1.43 -23.16 -4.36
CA ASP A 68 -2.82 -23.20 -4.83
C ASP A 68 -3.20 -21.92 -5.57
N GLY A 69 -2.27 -21.45 -6.38
CA GLY A 69 -2.56 -20.32 -7.24
C GLY A 69 -2.40 -18.93 -6.61
N CYS A 70 -1.97 -18.90 -5.34
CA CYS A 70 -1.92 -17.65 -4.53
C CYS A 70 -0.46 -17.37 -4.27
N ILE A 71 0.01 -16.20 -4.67
CA ILE A 71 1.42 -15.81 -4.48
C ILE A 71 1.71 -15.80 -2.98
N GLN A 72 2.87 -16.40 -2.63
CA GLN A 72 3.29 -16.52 -1.23
C GLN A 72 4.47 -15.66 -0.91
N VAL A 73 5.55 -15.74 -1.72
CA VAL A 73 6.74 -14.95 -1.52
C VAL A 73 7.35 -14.55 -2.89
N THR A 74 7.97 -13.38 -3.02
CA THR A 74 8.86 -13.06 -4.16
C THR A 74 10.12 -12.49 -3.65
N ASP A 75 11.23 -12.68 -4.39
CA ASP A 75 12.49 -12.11 -3.95
C ASP A 75 12.52 -10.56 -3.61
N TYR A 76 11.85 -9.82 -4.42
CA TYR A 76 11.88 -8.36 -4.31
C TYR A 76 11.10 -7.80 -3.15
N ASP A 77 9.97 -8.44 -2.75
CA ASP A 77 9.19 -7.82 -1.67
C ASP A 77 9.04 -8.69 -0.40
N GLU A 78 9.58 -9.89 -0.40
CA GLU A 78 9.41 -10.80 0.79
C GLU A 78 9.68 -10.17 2.17
N PHE A 79 10.66 -9.27 2.16
CA PHE A 79 11.11 -8.70 3.45
C PHE A 79 10.02 -7.97 4.16
N VAL A 80 8.99 -7.50 3.42
CA VAL A 80 7.98 -6.68 4.11
C VAL A 80 7.20 -7.43 5.14
N TYR A 81 6.57 -8.52 4.68
CA TYR A 81 5.71 -9.27 5.53
C TYR A 81 6.49 -9.98 6.57
N HIS A 82 7.69 -10.43 6.18
CA HIS A 82 8.48 -11.20 7.19
C HIS A 82 8.98 -10.27 8.28
N GLU A 83 9.45 -9.07 7.88
CA GLU A 83 9.90 -8.10 8.93
C GLU A 83 8.75 -7.59 9.77
N VAL A 84 7.59 -7.28 9.17
CA VAL A 84 6.45 -6.76 9.95
C VAL A 84 5.98 -7.84 10.96
N LEU A 85 5.74 -9.07 10.49
CA LEU A 85 5.34 -10.14 11.46
C LEU A 85 6.32 -10.40 12.54
N GLY A 86 7.61 -10.46 12.18
CA GLY A 86 8.64 -10.82 13.15
C GLY A 86 8.94 -9.74 14.16
N HIS A 87 9.09 -8.52 13.66
CA HIS A 87 9.47 -7.46 14.55
C HIS A 87 8.32 -6.75 15.21
N THR A 88 7.17 -6.61 14.56
CA THR A 88 6.08 -5.91 15.28
C THR A 88 5.73 -6.72 16.55
N SER A 89 5.69 -8.06 16.39
CA SER A 89 5.42 -8.88 17.57
C SER A 89 6.53 -8.95 18.64
N LEU A 90 7.75 -9.14 18.21
CA LEU A 90 8.84 -9.26 19.20
C LEU A 90 9.20 -7.90 19.82
N CYS A 91 9.10 -6.80 19.05
CA CYS A 91 9.36 -5.51 19.67
C CYS A 91 8.19 -5.06 20.55
N SER A 92 7.10 -5.82 20.58
CA SER A 92 5.99 -5.49 21.50
C SER A 92 6.07 -6.32 22.82
N HIS A 93 7.08 -7.18 22.89
CA HIS A 93 7.19 -8.11 24.01
C HIS A 93 8.34 -7.66 24.90
N PRO A 94 8.18 -7.77 26.23
CA PRO A 94 9.33 -7.34 27.05
C PRO A 94 10.63 -8.13 27.00
N LYS A 95 10.55 -9.43 26.64
CA LYS A 95 11.70 -10.31 26.63
C LYS A 95 11.28 -11.64 25.99
N PRO A 96 11.27 -11.66 24.64
CA PRO A 96 10.70 -12.83 23.98
C PRO A 96 11.82 -13.86 23.82
N GLU A 97 11.69 -14.91 24.62
CA GLU A 97 12.62 -16.01 24.65
C GLU A 97 12.13 -17.22 23.90
N ARG A 98 10.83 -17.51 23.98
CA ARG A 98 10.30 -18.76 23.36
C ARG A 98 9.22 -18.33 22.39
N VAL A 99 9.37 -18.76 21.12
CA VAL A 99 8.46 -18.27 20.07
C VAL A 99 7.91 -19.50 19.28
N LEU A 100 6.65 -19.45 18.86
CA LEU A 100 6.09 -20.48 18.00
C LEU A 100 5.68 -19.76 16.72
N ILE A 101 6.05 -20.38 15.58
CA ILE A 101 5.55 -19.99 14.23
C ILE A 101 4.75 -21.15 13.68
N ILE A 102 3.45 -20.89 13.43
CA ILE A 102 2.60 -21.83 12.76
C ILE A 102 2.53 -21.45 11.30
N GLY A 103 2.80 -22.44 10.43
CA GLY A 103 3.04 -22.15 9.01
C GLY A 103 4.47 -21.72 8.78
N GLY A 104 4.62 -20.75 7.94
CA GLY A 104 5.94 -20.15 7.81
C GLY A 104 7.03 -21.04 7.28
N GLY A 105 6.67 -22.09 6.54
CA GLY A 105 7.64 -23.09 6.10
C GLY A 105 8.69 -22.51 5.18
N ASP A 106 8.49 -21.32 4.62
CA ASP A 106 9.56 -20.73 3.76
C ASP A 106 10.71 -20.25 4.58
N GLY A 107 10.52 -19.99 5.91
CA GLY A 107 11.54 -19.60 6.79
C GLY A 107 11.69 -18.10 7.02
N GLY A 108 10.92 -17.28 6.30
CA GLY A 108 11.14 -15.83 6.37
C GLY A 108 10.87 -15.23 7.73
N VAL A 109 9.70 -15.49 8.31
CA VAL A 109 9.44 -15.01 9.66
C VAL A 109 10.48 -15.50 10.66
N LEU A 110 10.80 -16.80 10.55
CA LEU A 110 11.90 -17.37 11.41
C LEU A 110 13.28 -16.63 11.26
N ARG A 111 13.65 -16.26 10.02
CA ARG A 111 14.89 -15.45 9.88
C ARG A 111 14.78 -14.15 10.67
N GLU A 112 13.60 -13.48 10.60
CA GLU A 112 13.46 -12.24 11.36
C GLU A 112 13.48 -12.44 12.88
N VAL A 113 12.67 -13.39 13.40
CA VAL A 113 12.61 -13.71 14.81
C VAL A 113 14.05 -14.00 15.29
N LEU A 114 14.83 -14.76 14.55
CA LEU A 114 16.15 -15.16 15.05
C LEU A 114 17.12 -14.04 15.02
N ARG A 115 16.79 -12.89 14.43
CA ARG A 115 17.69 -11.72 14.65
C ARG A 115 17.75 -11.25 16.10
N HIS A 116 16.69 -11.53 16.88
CA HIS A 116 16.57 -11.05 18.22
C HIS A 116 17.42 -11.86 19.17
N GLY A 117 18.27 -11.12 19.86
CA GLY A 117 19.19 -11.67 20.86
C GLY A 117 18.50 -12.30 22.05
N THR A 118 17.23 -11.92 22.32
CA THR A 118 16.52 -12.53 23.44
C THR A 118 16.07 -13.95 23.17
N VAL A 119 15.96 -14.34 21.90
CA VAL A 119 15.31 -15.64 21.58
C VAL A 119 16.21 -16.79 21.91
N GLU A 120 15.68 -17.69 22.71
CA GLU A 120 16.38 -18.91 23.01
C GLU A 120 15.96 -20.09 22.15
N HIS A 121 14.65 -20.12 21.82
CA HIS A 121 14.13 -21.26 21.06
C HIS A 121 12.92 -20.77 20.24
N CYS A 122 12.81 -21.34 19.04
CA CYS A 122 11.65 -21.10 18.24
C CYS A 122 11.21 -22.42 17.71
N ASP A 123 9.92 -22.76 17.86
CA ASP A 123 9.40 -23.94 17.17
C ASP A 123 8.65 -23.46 15.93
N LEU A 124 8.86 -24.15 14.79
CA LEU A 124 8.11 -23.75 13.57
C LEU A 124 7.41 -25.05 13.13
N VAL A 125 6.11 -24.94 12.86
CA VAL A 125 5.25 -26.14 12.53
C VAL A 125 4.46 -25.79 11.27
N ASP A 126 4.80 -26.41 10.13
CA ASP A 126 4.07 -26.18 8.90
C ASP A 126 3.60 -27.53 8.40
N ILE A 127 2.36 -27.56 7.87
CA ILE A 127 1.77 -28.85 7.50
C ILE A 127 2.48 -29.45 6.26
N ASP A 128 3.15 -28.60 5.51
CA ASP A 128 3.69 -29.05 4.21
C ASP A 128 5.18 -29.05 4.18
N GLY A 129 5.78 -30.24 4.31
CA GLY A 129 7.24 -30.33 4.38
C GLY A 129 7.84 -29.95 3.04
N GLU A 130 7.06 -29.96 1.95
CA GLU A 130 7.66 -29.65 0.67
C GLU A 130 7.95 -28.12 0.52
N VAL A 131 7.21 -27.28 1.27
CA VAL A 131 7.48 -25.85 1.26
C VAL A 131 8.89 -25.56 1.84
N MET A 132 9.24 -26.25 2.96
CA MET A 132 10.54 -26.07 3.53
C MET A 132 11.58 -26.53 2.49
N GLU A 133 11.36 -27.70 1.86
CA GLU A 133 12.37 -28.23 0.93
C GLU A 133 12.56 -27.29 -0.25
N GLN A 134 11.45 -26.83 -0.84
CA GLN A 134 11.58 -25.97 -2.01
C GLN A 134 12.10 -24.60 -1.66
N SER A 135 11.78 -24.11 -0.43
CA SER A 135 12.38 -22.84 -0.04
C SER A 135 13.92 -22.97 0.11
N LYS A 136 14.38 -24.11 0.64
CA LYS A 136 15.86 -24.33 0.76
C LYS A 136 16.45 -24.38 -0.65
N GLN A 137 15.73 -24.93 -1.62
CA GLN A 137 16.33 -25.10 -3.01
C GLN A 137 16.30 -23.84 -3.82
N HIS A 138 15.33 -22.96 -3.59
CA HIS A 138 15.06 -21.84 -4.52
C HIS A 138 14.99 -20.46 -3.93
N PHE A 139 15.03 -20.39 -2.60
CA PHE A 139 15.01 -19.15 -1.83
C PHE A 139 15.94 -19.15 -0.68
N PRO A 140 17.24 -19.34 -0.96
CA PRO A 140 18.25 -19.40 0.08
C PRO A 140 18.23 -18.25 1.07
N GLN A 141 17.94 -17.04 0.62
CA GLN A 141 17.95 -15.90 1.55
C GLN A 141 16.71 -15.85 2.47
N ILE A 142 15.66 -16.55 2.05
CA ILE A 142 14.44 -16.69 2.85
C ILE A 142 14.63 -17.85 3.86
N SER A 143 15.16 -18.97 3.37
CA SER A 143 15.26 -20.20 4.14
C SER A 143 16.52 -20.45 4.98
N ARG A 144 17.45 -19.48 4.96
CA ARG A 144 18.75 -19.72 5.67
C ARG A 144 18.48 -20.20 7.16
N SER A 145 17.51 -19.58 7.76
CA SER A 145 17.10 -19.77 9.15
C SER A 145 16.68 -21.18 9.57
N LEU A 146 16.22 -21.94 8.60
CA LEU A 146 15.59 -23.22 8.94
C LEU A 146 16.55 -24.21 9.64
N ALA A 147 17.86 -24.07 9.35
CA ALA A 147 18.86 -24.97 9.90
C ALA A 147 19.38 -24.52 11.28
N ASP A 148 18.91 -23.39 11.78
CA ASP A 148 19.54 -22.79 12.98
C ASP A 148 19.19 -23.66 14.15
N PRO A 149 20.14 -23.96 15.02
CA PRO A 149 19.86 -24.86 16.19
C PRO A 149 19.01 -24.27 17.29
N ARG A 150 18.66 -22.97 17.21
CA ARG A 150 17.63 -22.40 18.05
C ARG A 150 16.26 -22.79 17.62
N ALA A 151 16.13 -23.30 16.41
CA ALA A 151 14.77 -23.63 15.84
C ALA A 151 14.58 -25.15 15.85
N THR A 152 13.34 -25.55 16.15
CA THR A 152 12.96 -26.94 15.84
C THR A 152 11.87 -26.82 14.82
N VAL A 153 12.13 -27.41 13.67
CA VAL A 153 11.24 -27.34 12.50
C VAL A 153 10.53 -28.70 12.32
N ARG A 154 9.20 -28.61 12.42
CA ARG A 154 8.38 -29.85 12.35
C ARG A 154 7.37 -29.75 11.22
N VAL A 155 7.07 -30.92 10.60
CA VAL A 155 6.02 -31.08 9.63
C VAL A 155 4.76 -31.55 10.29
N GLY A 156 3.70 -30.76 10.24
CA GLY A 156 2.53 -31.11 10.95
C GLY A 156 1.49 -30.05 10.92
N ASP A 157 0.25 -30.43 11.21
CA ASP A 157 -0.83 -29.46 11.35
C ASP A 157 -0.72 -28.59 12.58
N GLY A 158 -0.87 -27.26 12.38
CA GLY A 158 -0.73 -26.37 13.55
C GLY A 158 -1.84 -26.49 14.53
N LEU A 159 -3.05 -26.84 14.10
CA LEU A 159 -4.10 -27.03 15.10
C LEU A 159 -3.84 -28.22 16.06
N ALA A 160 -3.46 -29.35 15.52
CA ALA A 160 -3.00 -30.49 16.34
C ALA A 160 -1.79 -30.09 17.24
N PHE A 161 -0.83 -29.36 16.63
CA PHE A 161 0.34 -29.00 17.42
C PHE A 161 -0.06 -28.20 18.70
N VAL A 162 -0.86 -27.14 18.54
CA VAL A 162 -1.20 -26.34 19.73
C VAL A 162 -2.06 -27.18 20.71
N ARG A 163 -2.80 -28.15 20.19
CA ARG A 163 -3.61 -28.98 21.12
C ARG A 163 -2.73 -29.92 21.91
N GLN A 164 -1.47 -30.15 21.50
CA GLN A 164 -0.55 -31.02 22.29
C GLN A 164 0.43 -30.19 23.13
N THR A 165 0.31 -28.86 23.02
CA THR A 165 1.27 -27.96 23.65
C THR A 165 0.84 -27.55 25.08
N PRO A 166 1.79 -27.46 26.03
CA PRO A 166 1.41 -27.06 27.40
C PRO A 166 0.84 -25.61 27.54
N ASP A 167 0.08 -25.34 28.61
CA ASP A 167 -0.22 -23.92 28.96
C ASP A 167 1.10 -23.16 29.12
N ASN A 168 1.13 -21.85 28.79
CA ASN A 168 2.22 -21.01 29.22
C ASN A 168 3.58 -21.37 28.61
N THR A 169 3.54 -21.92 27.37
CA THR A 169 4.76 -22.32 26.68
C THR A 169 5.52 -21.15 26.04
N TYR A 170 4.79 -20.27 25.36
CA TYR A 170 5.41 -19.28 24.50
C TYR A 170 5.24 -17.85 24.91
N ASP A 171 6.29 -17.07 24.71
CA ASP A 171 6.17 -15.56 24.73
C ASP A 171 5.48 -15.01 23.52
N VAL A 172 5.68 -15.59 22.30
CA VAL A 172 5.10 -15.00 21.10
C VAL A 172 4.64 -16.16 20.23
N VAL A 173 3.39 -16.06 19.70
CA VAL A 173 2.93 -17.01 18.70
C VAL A 173 2.64 -16.23 17.37
N ILE A 174 3.25 -16.69 16.24
CA ILE A 174 3.06 -15.95 14.93
C ILE A 174 2.40 -16.98 14.01
N ILE A 175 1.26 -16.65 13.46
CA ILE A 175 0.43 -17.59 12.67
C ILE A 175 0.60 -17.15 11.22
N ASP A 176 1.60 -17.74 10.50
CA ASP A 176 1.91 -17.29 9.15
C ASP A 176 1.40 -18.33 8.16
N THR A 177 0.10 -18.22 7.89
CA THR A 177 -0.58 -19.25 7.12
C THR A 177 -1.11 -18.77 5.76
N THR A 178 -1.50 -19.75 4.98
CA THR A 178 -2.33 -19.49 3.78
C THR A 178 -3.74 -19.03 4.17
N ASP A 179 -4.57 -18.77 3.17
CA ASP A 179 -5.92 -18.16 3.43
C ASP A 179 -6.90 -19.16 4.03
N PRO A 180 -8.09 -18.64 4.39
CA PRO A 180 -9.04 -19.49 5.06
C PRO A 180 -9.58 -20.66 4.22
N ALA A 181 -9.42 -20.59 2.90
CA ALA A 181 -10.20 -21.52 2.03
C ALA A 181 -9.59 -22.94 1.96
N GLY A 182 -8.28 -23.11 2.26
CA GLY A 182 -7.55 -24.38 2.03
C GLY A 182 -7.11 -24.99 3.37
N PRO A 183 -5.89 -25.62 3.44
CA PRO A 183 -5.52 -26.37 4.69
C PRO A 183 -5.40 -25.51 5.96
N ALA A 184 -5.43 -24.18 5.83
CA ALA A 184 -5.33 -23.28 6.99
C ALA A 184 -6.72 -22.95 7.52
N SER A 185 -7.78 -23.52 6.96
CA SER A 185 -9.15 -23.07 7.35
C SER A 185 -9.44 -22.89 8.86
N LYS A 186 -9.12 -23.93 9.62
CA LYS A 186 -9.38 -23.86 11.06
C LYS A 186 -8.52 -22.92 11.86
N LEU A 187 -7.43 -22.43 11.24
CA LEU A 187 -6.47 -21.54 11.93
C LEU A 187 -6.97 -20.07 11.93
N PHE A 188 -8.20 -19.88 11.39
CA PHE A 188 -8.84 -18.60 11.39
C PHE A 188 -10.06 -18.65 12.30
N GLY A 189 -10.18 -19.73 13.08
CA GLY A 189 -11.39 -19.90 13.93
C GLY A 189 -11.18 -19.67 15.41
N GLU A 190 -12.28 -19.49 16.13
CA GLU A 190 -12.17 -19.19 17.54
C GLU A 190 -11.62 -20.39 18.37
N ALA A 191 -11.96 -21.63 18.04
CA ALA A 191 -11.39 -22.77 18.82
C ALA A 191 -9.81 -22.73 18.83
N PHE A 192 -9.27 -22.47 17.65
CA PHE A 192 -7.80 -22.43 17.53
C PHE A 192 -7.30 -21.28 18.40
N TYR A 193 -7.94 -20.13 18.26
CA TYR A 193 -7.49 -18.98 19.05
C TYR A 193 -7.62 -19.14 20.55
N LYS A 194 -8.59 -19.91 21.05
CA LYS A 194 -8.60 -20.25 22.48
C LYS A 194 -7.34 -20.99 22.89
N ASP A 195 -6.91 -21.92 22.01
CA ASP A 195 -5.70 -22.64 22.32
C ASP A 195 -4.47 -21.73 22.24
N VAL A 196 -4.44 -20.76 21.29
CA VAL A 196 -3.25 -19.89 21.22
C VAL A 196 -3.19 -19.08 22.51
N LEU A 197 -4.36 -18.60 23.02
CA LEU A 197 -4.36 -17.83 24.27
C LEU A 197 -3.82 -18.63 25.46
N ARG A 198 -4.20 -19.90 25.46
CA ARG A 198 -3.70 -20.85 26.47
C ARG A 198 -2.21 -21.13 26.47
N ILE A 199 -1.68 -21.33 25.26
CA ILE A 199 -0.26 -21.69 25.19
C ILE A 199 0.66 -20.45 25.35
N LEU A 200 0.13 -19.23 25.28
CA LEU A 200 0.87 -18.06 25.64
C LEU A 200 1.06 -17.90 27.15
N LYS A 201 2.23 -17.41 27.53
CA LYS A 201 2.53 -16.98 28.91
C LYS A 201 1.74 -15.70 29.16
N PRO A 202 1.59 -15.28 30.45
CA PRO A 202 0.79 -14.10 30.81
C PRO A 202 1.05 -12.86 30.04
N ASP A 203 2.32 -12.58 29.71
CA ASP A 203 2.67 -11.39 28.90
C ASP A 203 2.74 -11.69 27.42
N GLY A 204 2.18 -12.80 26.96
CA GLY A 204 2.32 -13.18 25.53
C GLY A 204 1.68 -12.22 24.50
N ILE A 205 2.22 -12.34 23.29
CA ILE A 205 1.76 -11.61 22.08
C ILE A 205 1.51 -12.63 20.95
N CYS A 206 0.43 -12.47 20.21
CA CYS A 206 0.09 -13.34 19.03
C CYS A 206 0.04 -12.38 17.84
N CYS A 207 0.54 -12.79 16.67
CA CYS A 207 0.09 -12.05 15.47
C CYS A 207 -0.19 -13.04 14.34
N ASN A 208 -0.80 -12.63 13.24
CA ASN A 208 -1.20 -13.58 12.25
C ASN A 208 -1.08 -13.05 10.85
N GLN A 209 -1.39 -13.88 9.87
CA GLN A 209 -1.60 -13.42 8.47
C GLN A 209 -3.06 -13.00 8.47
N GLY A 210 -3.24 -11.67 8.46
CA GLY A 210 -4.47 -11.05 8.93
C GLY A 210 -5.34 -10.61 7.79
N GLU A 211 -4.87 -10.83 6.54
CA GLU A 211 -5.72 -10.64 5.34
C GLU A 211 -5.90 -9.14 5.01
N SER A 212 -6.79 -8.83 4.03
CA SER A 212 -6.87 -7.49 3.43
C SER A 212 -8.02 -6.63 3.90
N ILE A 213 -7.78 -5.34 4.13
CA ILE A 213 -8.91 -4.42 4.46
C ILE A 213 -9.79 -4.10 3.21
N TRP A 214 -9.32 -4.43 2.03
CA TRP A 214 -10.08 -4.17 0.78
C TRP A 214 -10.96 -5.40 0.47
N LEU A 215 -10.44 -6.59 0.71
CA LEU A 215 -11.08 -7.85 0.26
C LEU A 215 -11.70 -8.60 1.45
N ASP A 216 -11.26 -8.37 2.67
CA ASP A 216 -11.62 -9.28 3.78
C ASP A 216 -12.02 -8.51 5.00
N LEU A 217 -12.59 -7.29 4.82
CA LEU A 217 -12.90 -6.46 6.00
C LEU A 217 -13.83 -7.17 6.99
N GLU A 218 -14.84 -7.87 6.44
CA GLU A 218 -15.83 -8.57 7.26
C GLU A 218 -15.16 -9.64 8.13
N LEU A 219 -14.21 -10.37 7.53
CA LEU A 219 -13.47 -11.41 8.27
C LEU A 219 -12.57 -10.76 9.36
N ILE A 220 -11.88 -9.66 9.00
CA ILE A 220 -11.08 -8.97 10.03
C ILE A 220 -11.92 -8.45 11.23
N GLU A 221 -13.11 -7.92 10.93
CA GLU A 221 -13.93 -7.47 12.04
C GLU A 221 -14.39 -8.68 12.92
N LYS A 222 -14.77 -9.77 12.27
CA LYS A 222 -15.20 -11.06 12.95
C LYS A 222 -14.09 -11.57 13.86
N MET A 223 -12.88 -11.70 13.29
CA MET A 223 -11.78 -12.23 14.07
C MET A 223 -11.34 -11.30 15.18
N SER A 224 -11.29 -9.98 14.93
CA SER A 224 -10.87 -9.08 15.97
C SER A 224 -11.77 -9.19 17.18
N ARG A 225 -13.05 -9.32 16.92
CA ARG A 225 -14.02 -9.43 18.02
C ARG A 225 -13.93 -10.78 18.68
N PHE A 226 -13.92 -11.89 17.96
CA PHE A 226 -13.78 -13.17 18.70
C PHE A 226 -12.46 -13.36 19.41
N ILE A 227 -11.38 -12.75 18.87
CA ILE A 227 -10.11 -12.87 19.61
C ILE A 227 -10.20 -12.14 20.93
N ARG A 228 -10.76 -10.92 20.94
CA ARG A 228 -10.93 -10.18 22.14
C ARG A 228 -11.83 -10.99 23.11
N GLU A 229 -12.90 -11.53 22.59
CA GLU A 229 -13.90 -12.14 23.46
C GLU A 229 -13.39 -13.47 24.03
N THR A 230 -12.53 -14.17 23.28
CA THR A 230 -11.86 -15.39 23.78
C THR A 230 -10.91 -15.18 24.97
N GLY A 231 -10.51 -13.94 25.24
CA GLY A 231 -9.71 -13.58 26.40
C GLY A 231 -8.46 -12.73 26.16
N PHE A 232 -8.10 -12.42 24.90
CA PHE A 232 -7.02 -11.48 24.69
C PHE A 232 -7.41 -10.04 25.13
N ALA A 233 -6.51 -9.37 25.82
CA ALA A 233 -6.83 -8.05 26.38
C ALA A 233 -7.00 -7.00 25.28
N SER A 234 -6.23 -7.14 24.19
CA SER A 234 -6.26 -6.10 23.11
C SER A 234 -5.88 -6.73 21.76
N VAL A 235 -6.37 -6.15 20.68
CA VAL A 235 -6.15 -6.69 19.34
C VAL A 235 -6.12 -5.45 18.43
N GLN A 236 -5.00 -5.27 17.72
CA GLN A 236 -4.90 -4.14 16.79
C GLN A 236 -4.38 -4.67 15.45
N TYR A 237 -4.90 -4.13 14.35
CA TYR A 237 -4.48 -4.58 13.00
C TYR A 237 -3.42 -3.65 12.48
N ALA A 238 -2.27 -4.27 12.09
CA ALA A 238 -1.17 -3.50 11.48
C ALA A 238 -1.16 -3.72 9.99
N LEU A 239 -1.27 -2.62 9.20
CA LEU A 239 -1.38 -2.65 7.73
C LEU A 239 0.05 -2.53 7.15
N MET A 240 0.29 -3.21 6.06
CA MET A 240 1.61 -3.13 5.43
C MET A 240 1.50 -3.14 3.91
N HIS A 241 2.52 -2.59 3.26
CA HIS A 241 2.53 -2.53 1.76
C HIS A 241 3.26 -3.70 1.16
N VAL A 242 2.54 -4.58 0.47
CA VAL A 242 3.11 -5.74 -0.22
C VAL A 242 2.53 -5.74 -1.62
N PRO A 243 3.33 -5.37 -2.63
CA PRO A 243 2.86 -5.21 -4.04
C PRO A 243 2.25 -6.48 -4.62
N THR A 244 2.75 -7.64 -4.16
CA THR A 244 2.34 -8.93 -4.81
C THR A 244 1.31 -9.71 -4.03
N TYR A 245 0.72 -9.10 -2.98
CA TYR A 245 -0.43 -9.69 -2.37
C TYR A 245 -1.64 -9.01 -2.95
N PRO A 246 -2.82 -9.69 -2.94
CA PRO A 246 -4.04 -9.12 -3.51
C PRO A 246 -4.33 -7.68 -3.01
N CYS A 247 -4.49 -6.78 -3.97
CA CYS A 247 -4.78 -5.33 -3.81
C CYS A 247 -3.64 -4.56 -3.17
N GLY A 248 -2.44 -5.18 -3.11
CA GLY A 248 -1.22 -4.41 -2.71
C GLY A 248 -0.95 -4.23 -1.22
N SER A 249 -1.74 -4.89 -0.36
CA SER A 249 -1.46 -4.83 1.03
C SER A 249 -1.95 -6.05 1.71
N ILE A 250 -1.56 -6.16 2.96
CA ILE A 250 -2.12 -7.18 3.84
C ILE A 250 -1.92 -6.64 5.27
N GLY A 251 -2.45 -7.38 6.27
CA GLY A 251 -2.27 -6.88 7.62
C GLY A 251 -2.03 -8.03 8.54
N THR A 252 -1.84 -7.71 9.79
CA THR A 252 -1.69 -8.73 10.85
C THR A 252 -2.44 -8.20 12.07
N LEU A 253 -3.21 -9.10 12.68
CA LEU A 253 -3.79 -8.75 14.01
C LEU A 253 -2.80 -9.05 15.10
N VAL A 254 -2.38 -8.00 15.82
CA VAL A 254 -1.37 -8.10 16.87
C VAL A 254 -2.14 -8.07 18.18
N CYS A 255 -2.03 -9.14 18.96
CA CYS A 255 -2.90 -9.35 20.09
C CYS A 255 -2.08 -9.51 21.34
N SER A 256 -2.55 -8.89 22.42
CA SER A 256 -1.84 -9.04 23.69
C SER A 256 -2.68 -9.81 24.70
N LYS A 257 -2.06 -10.81 25.33
CA LYS A 257 -2.71 -11.52 26.44
C LYS A 257 -2.88 -10.61 27.65
N LYS A 258 -1.86 -9.83 27.98
CA LYS A 258 -1.87 -8.93 29.14
C LYS A 258 -2.65 -7.62 28.87
N ALA A 259 -3.47 -7.20 29.82
CA ALA A 259 -4.15 -5.88 29.75
C ALA A 259 -3.17 -4.74 29.95
N GLY A 260 -3.49 -3.55 29.43
CA GLY A 260 -2.61 -2.37 29.65
C GLY A 260 -1.42 -2.28 28.72
N VAL A 261 -1.38 -3.16 27.73
CA VAL A 261 -0.26 -3.18 26.76
C VAL A 261 -0.74 -2.44 25.50
N ASP A 262 0.06 -1.55 24.95
CA ASP A 262 -0.29 -0.77 23.75
C ASP A 262 0.69 -1.22 22.69
N VAL A 263 0.28 -2.25 21.94
CA VAL A 263 1.26 -2.77 20.93
C VAL A 263 1.51 -1.78 19.79
N THR A 264 0.78 -0.66 19.71
CA THR A 264 0.93 0.27 18.58
C THR A 264 2.13 1.22 18.67
N LYS A 265 2.72 1.34 19.86
CA LYS A 265 4.01 2.02 20.13
C LYS A 265 4.98 0.89 20.43
N PRO A 266 6.19 0.87 19.82
CA PRO A 266 7.13 -0.24 20.13
C PRO A 266 7.59 -0.18 21.60
N LEU A 267 7.53 -1.30 22.28
CA LEU A 267 7.90 -1.37 23.68
C LEU A 267 9.41 -1.43 23.69
N ARG A 268 9.98 -2.23 22.82
CA ARG A 268 11.48 -2.33 22.75
C ARG A 268 11.87 -1.95 21.32
N PRO A 269 12.23 -0.66 21.08
CA PRO A 269 12.41 -0.21 19.73
C PRO A 269 13.58 -0.92 19.07
N VAL A 270 13.39 -1.37 17.83
CA VAL A 270 14.41 -2.10 17.12
C VAL A 270 15.71 -1.27 16.91
N GLU A 271 15.63 0.05 17.02
CA GLU A 271 16.82 0.88 16.78
C GLU A 271 17.85 0.71 17.86
N ASP A 272 17.47 0.10 18.96
CA ASP A 272 18.41 -0.13 20.03
C ASP A 272 19.04 -1.52 19.78
N MET A 273 18.65 -2.24 18.71
CA MET A 273 19.16 -3.56 18.45
C MET A 273 20.21 -3.58 17.33
N PRO A 274 21.15 -4.54 17.40
CA PRO A 274 22.28 -4.46 16.50
C PRO A 274 21.97 -4.60 15.03
N PHE A 275 20.82 -5.19 14.70
CA PHE A 275 20.43 -5.51 13.32
C PHE A 275 19.44 -4.51 12.72
N ALA A 276 19.13 -3.44 13.47
CA ALA A 276 18.17 -2.44 12.95
C ALA A 276 18.53 -1.95 11.54
N LYS A 277 19.84 -1.69 11.28
CA LYS A 277 20.16 -1.15 9.95
C LYS A 277 20.29 -2.16 8.79
N ASP A 278 20.10 -3.46 9.07
CA ASP A 278 19.98 -4.42 8.02
C ASP A 278 18.53 -4.65 7.50
N LEU A 279 17.56 -3.99 8.19
CA LEU A 279 16.17 -4.22 7.80
C LEU A 279 15.87 -3.34 6.57
N LYS A 280 14.99 -3.85 5.69
CA LYS A 280 14.65 -3.11 4.50
C LYS A 280 13.30 -2.36 4.56
N TYR A 281 12.43 -2.73 5.49
CA TYR A 281 11.10 -2.15 5.65
C TYR A 281 10.83 -1.62 7.01
N TYR A 282 10.90 -2.53 8.00
CA TYR A 282 10.49 -2.18 9.33
C TYR A 282 11.45 -1.28 10.15
N ASP A 283 10.89 -0.33 10.85
CA ASP A 283 11.58 0.39 11.98
C ASP A 283 10.50 0.98 12.84
N SER A 284 10.84 1.76 13.82
CA SER A 284 9.80 2.18 14.77
C SER A 284 8.79 3.15 14.21
N GLU A 285 9.20 4.02 13.32
CA GLU A 285 8.21 4.92 12.65
C GLU A 285 7.23 4.09 11.85
N MET A 286 7.73 3.08 11.17
CA MET A 286 6.84 2.26 10.35
C MET A 286 5.94 1.40 11.29
N HIS A 287 6.45 1.01 12.43
CA HIS A 287 5.64 0.22 13.41
C HIS A 287 4.49 1.05 13.85
N LYS A 288 4.75 2.30 14.21
CA LYS A 288 3.60 3.14 14.67
C LYS A 288 2.66 3.47 13.52
N ALA A 289 3.22 3.70 12.33
CA ALA A 289 2.38 4.05 11.16
C ALA A 289 1.44 2.93 10.72
N SER A 290 1.81 1.68 10.98
CA SER A 290 1.03 0.52 10.50
C SER A 290 -0.29 0.43 11.15
N PHE A 291 -0.40 1.01 12.35
CA PHE A 291 -1.67 0.89 13.03
C PHE A 291 -2.62 2.00 12.72
N ALA A 292 -2.21 2.96 11.86
CA ALA A 292 -3.19 4.01 11.34
C ALA A 292 -3.85 3.41 10.20
N LEU A 293 -5.21 3.36 10.25
CA LEU A 293 -5.93 2.70 9.15
C LEU A 293 -6.81 3.74 8.41
N PRO A 294 -7.06 3.46 7.12
CA PRO A 294 -8.03 4.31 6.38
C PRO A 294 -9.35 4.49 7.18
N ARG A 295 -9.95 5.65 7.09
CA ARG A 295 -11.21 5.86 7.86
C ARG A 295 -12.21 4.72 7.74
N PHE A 296 -12.43 4.19 6.54
CA PHE A 296 -13.41 3.08 6.30
C PHE A 296 -13.10 1.84 7.16
N ALA A 297 -11.82 1.65 7.53
CA ALA A 297 -11.39 0.51 8.33
C ALA A 297 -11.04 0.81 9.75
N ARG A 298 -10.99 2.08 10.17
CA ARG A 298 -10.35 2.46 11.43
C ARG A 298 -11.04 1.84 12.67
N HIS A 299 -12.32 1.50 12.52
CA HIS A 299 -13.07 0.95 13.65
C HIS A 299 -12.48 -0.36 14.13
N ILE A 300 -11.67 -1.05 13.28
CA ILE A 300 -10.97 -2.28 13.66
C ILE A 300 -10.11 -1.94 14.89
N ASN A 301 -9.46 -0.78 14.88
CA ASN A 301 -8.49 -0.44 15.87
C ASN A 301 -9.05 0.49 16.98
N ASN A 302 -10.26 0.98 16.70
CA ASN A 302 -11.12 1.82 17.58
C ASN A 302 -10.61 3.22 17.62
N MET B 9 2.92 4.70 -26.23
CA MET B 9 2.85 3.22 -26.35
C MET B 9 1.36 2.76 -26.37
N PRO B 10 0.73 2.50 -25.19
CA PRO B 10 -0.49 1.69 -25.27
C PRO B 10 -1.81 2.36 -25.69
N GLY B 11 -2.74 1.51 -26.18
CA GLY B 11 -4.12 1.94 -26.54
C GLY B 11 -5.22 0.88 -26.40
N SER B 12 -5.89 0.57 -27.52
CA SER B 12 -6.98 -0.41 -27.55
C SER B 12 -6.57 -1.87 -27.40
N GLU B 13 -5.33 -2.23 -27.75
CA GLU B 13 -4.95 -3.67 -27.65
C GLU B 13 -4.75 -4.24 -26.23
N LEU B 14 -4.82 -3.35 -25.21
CA LEU B 14 -4.86 -3.79 -23.79
C LEU B 14 -6.18 -4.45 -23.36
N ILE B 15 -7.24 -4.23 -24.14
CA ILE B 15 -8.53 -4.91 -23.98
C ILE B 15 -8.49 -6.17 -24.86
N SER B 16 -8.19 -7.30 -24.23
CA SER B 16 -8.03 -8.56 -24.97
C SER B 16 -8.67 -9.69 -24.16
N GLY B 17 -9.47 -10.53 -24.85
CA GLY B 17 -10.12 -11.67 -24.23
C GLY B 17 -10.80 -11.44 -22.88
N GLY B 18 -11.54 -10.33 -22.74
CA GLY B 18 -12.50 -10.15 -21.63
C GLY B 18 -11.93 -9.25 -20.53
N TRP B 19 -10.66 -8.88 -20.66
CA TRP B 19 -9.93 -8.19 -19.64
C TRP B 19 -9.18 -6.96 -20.17
N PHE B 20 -8.99 -5.97 -19.28
CA PHE B 20 -8.04 -4.88 -19.51
C PHE B 20 -6.88 -5.24 -18.72
N ARG B 21 -5.72 -5.14 -19.33
CA ARG B 21 -4.52 -5.64 -18.72
C ARG B 21 -3.57 -4.53 -18.74
N GLU B 22 -3.12 -4.13 -17.56
CA GLU B 22 -2.28 -2.94 -17.38
C GLU B 22 -0.78 -3.15 -17.60
N GLU B 23 -0.51 -3.49 -18.88
CA GLU B 23 0.85 -3.79 -19.38
C GLU B 23 1.53 -2.48 -19.85
N ASN B 24 2.73 -2.20 -19.36
CA ASN B 24 3.38 -0.89 -19.65
C ASN B 24 4.88 -1.05 -19.41
N ASP B 25 5.70 -0.50 -20.29
CA ASP B 25 7.14 -0.63 -20.07
C ASP B 25 7.59 0.31 -18.92
N GLN B 26 6.65 1.06 -18.33
CA GLN B 26 7.06 1.86 -17.13
C GLN B 26 7.03 1.00 -15.88
N TRP B 27 6.47 -0.23 -16.00
CA TRP B 27 6.55 -1.25 -14.90
C TRP B 27 6.72 -2.68 -15.54
N PRO B 28 7.91 -2.97 -16.13
CA PRO B 28 8.10 -4.29 -16.72
C PRO B 28 7.85 -5.52 -15.79
N GLY B 29 7.41 -6.62 -16.41
CA GLY B 29 7.33 -7.86 -15.71
C GLY B 29 6.07 -8.04 -14.87
N GLN B 30 5.17 -7.03 -14.89
CA GLN B 30 3.92 -7.09 -14.17
C GLN B 30 2.73 -6.41 -14.84
N ALA B 31 1.53 -6.79 -14.44
CA ALA B 31 0.35 -6.16 -14.97
C ALA B 31 -0.80 -6.51 -14.03
N MET B 32 -1.40 -5.48 -13.43
CA MET B 32 -2.75 -5.60 -12.87
C MET B 32 -3.79 -5.71 -14.00
N SER B 33 -4.80 -6.56 -13.85
CA SER B 33 -5.84 -6.73 -14.83
C SER B 33 -7.15 -6.58 -14.15
N LEU B 34 -8.08 -5.98 -14.86
CA LEU B 34 -9.46 -5.92 -14.46
C LEU B 34 -10.23 -6.47 -15.59
N ARG B 35 -11.31 -7.17 -15.30
CA ARG B 35 -12.16 -7.75 -16.35
C ARG B 35 -13.07 -6.65 -16.95
N VAL B 36 -13.46 -6.77 -18.22
CA VAL B 36 -14.33 -5.76 -18.87
C VAL B 36 -15.76 -6.23 -19.10
N GLU B 37 -16.73 -5.58 -18.54
CA GLU B 37 -18.10 -5.94 -18.84
C GLU B 37 -18.56 -5.26 -20.16
N LYS B 38 -18.16 -3.99 -20.36
CA LYS B 38 -18.54 -3.21 -21.57
C LYS B 38 -17.61 -2.06 -21.71
N VAL B 39 -17.03 -1.90 -22.91
CA VAL B 39 -16.25 -0.70 -23.24
C VAL B 39 -17.21 0.48 -23.46
N LEU B 40 -16.91 1.60 -22.81
CA LEU B 40 -17.78 2.80 -22.89
C LEU B 40 -17.19 3.89 -23.74
N TYR B 41 -15.86 3.88 -23.80
CA TYR B 41 -15.09 4.82 -24.59
C TYR B 41 -13.75 4.28 -24.88
N ASP B 42 -13.33 4.40 -26.11
CA ASP B 42 -12.02 3.96 -26.47
C ASP B 42 -11.58 4.62 -27.76
N ALA B 43 -10.81 5.71 -27.66
CA ALA B 43 -10.47 6.53 -28.82
C ALA B 43 -9.35 7.40 -28.43
N PRO B 44 -8.49 7.73 -29.40
CA PRO B 44 -7.47 8.77 -29.32
C PRO B 44 -8.17 10.16 -29.15
N THR B 45 -7.75 10.99 -28.17
CA THR B 45 -8.17 12.40 -28.14
C THR B 45 -7.06 13.25 -28.81
N LYS B 46 -7.05 14.57 -28.62
CA LYS B 46 -6.03 15.41 -29.24
C LYS B 46 -4.62 15.14 -28.67
N PHE B 47 -4.58 14.52 -27.47
CA PHE B 47 -3.34 14.35 -26.76
C PHE B 47 -3.00 12.96 -26.26
N GLN B 48 -4.01 12.14 -26.02
CA GLN B 48 -3.81 10.84 -25.33
C GLN B 48 -4.80 9.76 -25.78
N HIS B 49 -4.49 8.48 -25.50
CA HIS B 49 -5.50 7.46 -25.76
C HIS B 49 -6.36 7.27 -24.57
N LEU B 50 -7.62 7.60 -24.71
CA LEU B 50 -8.60 7.49 -23.62
C LEU B 50 -9.50 6.21 -23.70
N THR B 51 -9.44 5.39 -22.64
CA THR B 51 -10.26 4.17 -22.48
C THR B 51 -11.12 4.18 -21.25
N ILE B 52 -12.42 3.97 -21.39
CA ILE B 52 -13.28 3.89 -20.25
C ILE B 52 -14.09 2.65 -20.34
N PHE B 53 -14.14 1.85 -19.27
CA PHE B 53 -14.92 0.62 -19.33
C PHE B 53 -15.62 0.32 -18.03
N GLU B 54 -16.68 -0.45 -18.13
CA GLU B 54 -17.41 -0.98 -16.99
C GLU B 54 -16.74 -2.32 -16.67
N SER B 55 -16.27 -2.46 -15.44
CA SER B 55 -15.56 -3.70 -15.06
C SER B 55 -16.62 -4.74 -14.69
N ASP B 56 -16.17 -5.93 -14.27
CA ASP B 56 -17.12 -7.01 -13.85
C ASP B 56 -18.14 -6.58 -12.77
N PRO B 57 -19.50 -6.66 -13.05
CA PRO B 57 -20.46 -6.20 -12.00
C PRO B 57 -20.50 -7.16 -10.83
N LYS B 58 -19.87 -8.30 -11.01
CA LYS B 58 -19.70 -9.26 -9.95
C LYS B 58 -18.61 -8.80 -9.00
N GLY B 59 -17.72 -7.93 -9.50
CA GLY B 59 -16.70 -7.31 -8.64
C GLY B 59 -17.08 -5.91 -8.13
N PRO B 60 -16.20 -5.30 -7.33
CA PRO B 60 -16.53 -4.02 -6.72
C PRO B 60 -16.04 -2.79 -7.52
N TRP B 61 -15.27 -2.99 -8.59
CA TRP B 61 -14.46 -1.86 -9.13
C TRP B 61 -15.25 -0.78 -9.83
N GLY B 62 -16.44 -1.15 -10.35
CA GLY B 62 -17.17 -0.19 -11.14
C GLY B 62 -16.53 0.22 -12.45
N THR B 63 -16.80 1.47 -12.83
CA THR B 63 -16.24 2.05 -14.03
C THR B 63 -14.73 2.40 -13.85
N VAL B 64 -13.96 2.22 -14.91
CA VAL B 64 -12.52 2.38 -14.91
C VAL B 64 -12.11 3.27 -16.06
N MET B 65 -11.21 4.23 -15.79
CA MET B 65 -10.64 5.09 -16.81
C MET B 65 -9.15 4.88 -16.92
N ALA B 66 -8.64 4.75 -18.14
CA ALA B 66 -7.20 4.73 -18.40
C ALA B 66 -6.79 5.73 -19.47
N LEU B 67 -5.58 6.28 -19.36
CA LEU B 67 -5.00 7.15 -20.32
C LEU B 67 -3.64 6.58 -20.75
N ASP B 68 -3.47 6.44 -22.07
CA ASP B 68 -2.26 5.86 -22.65
C ASP B 68 -1.98 4.50 -21.93
N GLY B 69 -3.06 3.76 -21.66
CA GLY B 69 -3.06 2.45 -21.02
C GLY B 69 -2.76 2.41 -19.54
N CYS B 70 -2.71 3.59 -18.96
CA CYS B 70 -2.48 3.69 -17.48
C CYS B 70 -3.74 3.95 -16.73
N ILE B 71 -4.08 3.10 -15.78
CA ILE B 71 -5.36 3.24 -15.03
C ILE B 71 -5.27 4.60 -14.27
N GLN B 72 -6.33 5.44 -14.42
CA GLN B 72 -6.39 6.76 -13.75
C GLN B 72 -7.30 6.77 -12.61
N VAL B 73 -8.54 6.32 -12.73
CA VAL B 73 -9.47 6.26 -11.63
C VAL B 73 -10.33 4.97 -11.74
N THR B 74 -10.76 4.43 -10.61
CA THR B 74 -11.93 3.50 -10.63
C THR B 74 -12.92 3.99 -9.65
N ASP B 75 -14.20 3.63 -9.82
CA ASP B 75 -15.22 4.04 -8.89
C ASP B 75 -14.94 3.72 -7.41
N TYR B 76 -14.37 2.54 -7.21
CA TYR B 76 -14.30 1.95 -5.91
C TYR B 76 -13.14 2.58 -5.07
N ASP B 77 -12.00 2.84 -5.67
CA ASP B 77 -10.91 3.37 -4.82
C ASP B 77 -10.45 4.82 -5.12
N GLU B 78 -11.15 5.55 -6.00
CA GLU B 78 -10.76 6.90 -6.34
C GLU B 78 -10.66 7.83 -5.13
N PHE B 79 -11.42 7.55 -4.09
CA PHE B 79 -11.46 8.42 -2.92
C PHE B 79 -10.08 8.53 -2.28
N VAL B 80 -9.26 7.49 -2.39
CA VAL B 80 -8.00 7.55 -1.66
C VAL B 80 -7.11 8.69 -2.20
N TYR B 81 -6.70 8.64 -3.46
CA TYR B 81 -5.78 9.63 -3.99
C TYR B 81 -6.38 11.01 -3.97
N HIS B 82 -7.68 11.12 -4.23
CA HIS B 82 -8.25 12.45 -4.22
C HIS B 82 -8.29 13.04 -2.86
N GLU B 83 -8.69 12.24 -1.84
CA GLU B 83 -8.66 12.76 -0.43
C GLU B 83 -7.18 13.09 -0.01
N VAL B 84 -6.19 12.25 -0.35
CA VAL B 84 -4.88 12.50 0.17
C VAL B 84 -4.31 13.79 -0.46
N LEU B 85 -4.39 13.90 -1.79
CA LEU B 85 -3.91 15.16 -2.44
C LEU B 85 -4.57 16.39 -1.92
N GLY B 86 -5.90 16.30 -1.85
CA GLY B 86 -6.64 17.51 -1.47
C GLY B 86 -6.47 17.89 -0.03
N HIS B 87 -6.51 16.95 0.88
CA HIS B 87 -6.53 17.33 2.32
C HIS B 87 -5.10 17.39 2.88
N THR B 88 -4.16 16.57 2.44
CA THR B 88 -2.82 16.70 2.99
C THR B 88 -2.25 18.06 2.69
N SER B 89 -2.44 18.51 1.45
CA SER B 89 -2.02 19.87 1.11
C SER B 89 -2.76 21.01 1.85
N LEU B 90 -4.08 20.99 1.75
CA LEU B 90 -4.81 22.14 2.37
C LEU B 90 -4.66 22.18 3.91
N CYS B 91 -4.64 21.01 4.50
CA CYS B 91 -4.55 20.86 5.98
C CYS B 91 -3.11 21.28 6.42
N SER B 92 -2.21 21.44 5.49
CA SER B 92 -0.85 21.91 5.79
C SER B 92 -0.69 23.43 5.64
N HIS B 93 -1.77 24.08 5.23
CA HIS B 93 -1.68 25.49 4.88
C HIS B 93 -2.47 26.29 5.94
N PRO B 94 -1.96 27.50 6.32
CA PRO B 94 -2.70 28.19 7.43
C PRO B 94 -4.07 28.71 7.07
N LYS B 95 -4.33 29.03 5.78
CA LYS B 95 -5.62 29.55 5.35
C LYS B 95 -5.65 29.51 3.83
N PRO B 96 -5.99 28.33 3.28
CA PRO B 96 -5.84 28.24 1.82
C PRO B 96 -7.07 28.76 1.08
N GLU B 97 -6.90 29.93 0.46
CA GLU B 97 -8.05 30.59 -0.17
C GLU B 97 -8.08 30.47 -1.65
N ARG B 98 -6.91 30.40 -2.27
CA ARG B 98 -6.82 30.37 -3.70
C ARG B 98 -5.99 29.14 -4.09
N VAL B 99 -6.58 28.27 -4.86
CA VAL B 99 -5.94 26.96 -5.18
C VAL B 99 -5.85 26.77 -6.71
N LEU B 100 -4.76 26.16 -7.17
CA LEU B 100 -4.61 25.78 -8.56
C LEU B 100 -4.45 24.26 -8.60
N ILE B 101 -5.25 23.65 -9.49
CA ILE B 101 -5.04 22.22 -9.83
C ILE B 101 -4.55 22.16 -11.27
N ILE B 102 -3.37 21.58 -11.48
CA ILE B 102 -2.87 21.30 -12.88
C ILE B 102 -3.20 19.83 -13.13
N GLY B 103 -3.84 19.60 -14.28
CA GLY B 103 -4.37 18.25 -14.56
C GLY B 103 -5.72 18.08 -13.87
N GLY B 104 -5.94 16.90 -13.32
CA GLY B 104 -7.13 16.70 -12.48
C GLY B 104 -8.43 16.87 -13.22
N GLY B 105 -8.45 16.56 -14.52
CA GLY B 105 -9.68 16.79 -15.29
C GLY B 105 -10.84 15.91 -14.96
N ASP B 106 -10.63 14.85 -14.19
CA ASP B 106 -11.72 14.03 -13.73
C ASP B 106 -12.54 14.77 -12.67
N GLY B 107 -11.96 15.79 -12.00
CA GLY B 107 -12.60 16.59 -10.95
C GLY B 107 -12.37 16.11 -9.50
N GLY B 108 -11.76 14.94 -9.30
CA GLY B 108 -11.72 14.35 -7.97
C GLY B 108 -11.02 15.19 -6.90
N VAL B 109 -9.82 15.63 -7.27
CA VAL B 109 -9.14 16.54 -6.33
C VAL B 109 -9.93 17.82 -6.07
N LEU B 110 -10.50 18.41 -7.16
CA LEU B 110 -11.35 19.61 -7.00
C LEU B 110 -12.54 19.35 -6.02
N ARG B 111 -13.15 18.18 -6.15
CA ARG B 111 -14.25 17.82 -5.18
C ARG B 111 -13.77 17.89 -3.75
N GLU B 112 -12.58 17.29 -3.50
CA GLU B 112 -12.06 17.40 -2.18
C GLU B 112 -11.64 18.80 -1.70
N VAL B 113 -10.96 19.56 -2.56
CA VAL B 113 -10.50 20.92 -2.27
C VAL B 113 -11.78 21.76 -1.85
N LEU B 114 -12.86 21.59 -2.60
CA LEU B 114 -14.04 22.40 -2.35
C LEU B 114 -14.81 22.04 -1.10
N ARG B 115 -14.44 20.95 -0.43
CA ARG B 115 -15.00 20.70 0.93
C ARG B 115 -14.58 21.78 1.93
N HIS B 116 -13.43 22.38 1.70
CA HIS B 116 -12.84 23.39 2.57
C HIS B 116 -13.53 24.75 2.43
N GLY B 117 -14.10 25.15 3.59
CA GLY B 117 -14.78 26.49 3.73
C GLY B 117 -13.85 27.65 3.51
N THR B 118 -12.52 27.46 3.71
CA THR B 118 -11.56 28.54 3.41
C THR B 118 -11.40 28.88 1.93
N VAL B 119 -11.64 27.88 1.06
CA VAL B 119 -11.37 28.11 -0.38
C VAL B 119 -12.37 29.12 -1.01
N GLU B 120 -11.79 30.21 -1.51
CA GLU B 120 -12.58 31.27 -2.24
C GLU B 120 -12.67 30.88 -3.69
N HIS B 121 -11.63 30.26 -4.25
CA HIS B 121 -11.65 29.93 -5.65
C HIS B 121 -10.57 28.91 -6.02
N CYS B 122 -10.91 27.99 -6.91
CA CYS B 122 -9.93 27.04 -7.37
C CYS B 122 -9.95 27.05 -8.88
N ASP B 123 -8.77 27.25 -9.47
CA ASP B 123 -8.58 27.14 -10.90
C ASP B 123 -8.14 25.70 -11.27
N LEU B 124 -8.64 25.12 -12.35
CA LEU B 124 -8.27 23.72 -12.78
C LEU B 124 -7.88 23.80 -14.25
N VAL B 125 -6.66 23.33 -14.60
CA VAL B 125 -6.21 23.45 -15.99
C VAL B 125 -5.69 22.08 -16.38
N ASP B 126 -6.44 21.42 -17.30
CA ASP B 126 -6.07 20.09 -17.81
C ASP B 126 -5.97 20.22 -19.32
N ILE B 127 -4.87 19.68 -19.85
CA ILE B 127 -4.62 19.66 -21.32
C ILE B 127 -5.71 19.02 -22.20
N ASP B 128 -6.52 18.12 -21.65
CA ASP B 128 -7.34 17.18 -22.45
C ASP B 128 -8.79 17.37 -22.11
N GLY B 129 -9.44 18.18 -22.93
CA GLY B 129 -10.83 18.45 -22.64
C GLY B 129 -11.73 17.29 -22.71
N GLU B 130 -11.29 16.30 -23.48
CA GLU B 130 -12.03 15.04 -23.54
C GLU B 130 -12.10 14.29 -22.18
N VAL B 131 -11.04 14.41 -21.34
CA VAL B 131 -11.10 13.79 -20.06
C VAL B 131 -12.24 14.42 -19.21
N MET B 132 -12.37 15.75 -19.20
CA MET B 132 -13.46 16.37 -18.46
C MET B 132 -14.81 15.92 -19.05
N GLU B 133 -14.96 15.92 -20.39
CA GLU B 133 -16.30 15.56 -20.96
C GLU B 133 -16.66 14.11 -20.60
N GLN B 134 -15.71 13.21 -20.71
CA GLN B 134 -16.06 11.82 -20.38
C GLN B 134 -16.21 11.56 -18.87
N SER B 135 -15.48 12.30 -18.03
CA SER B 135 -15.76 12.26 -16.62
C SER B 135 -17.13 12.69 -16.21
N LYS B 136 -17.64 13.77 -16.86
CA LYS B 136 -19.02 14.22 -16.60
C LYS B 136 -20.00 13.15 -17.05
N GLN B 137 -19.74 12.49 -18.19
CA GLN B 137 -20.62 11.43 -18.73
C GLN B 137 -20.55 10.14 -17.93
N HIS B 138 -19.35 9.74 -17.52
CA HIS B 138 -19.18 8.36 -16.95
C HIS B 138 -18.80 8.26 -15.47
N PHE B 139 -18.35 9.38 -14.87
CA PHE B 139 -17.95 9.41 -13.45
C PHE B 139 -18.60 10.55 -12.74
N PRO B 140 -19.92 10.58 -12.73
CA PRO B 140 -20.56 11.70 -12.04
C PRO B 140 -20.21 12.01 -10.55
N GLN B 141 -19.85 10.98 -9.76
CA GLN B 141 -19.55 11.14 -8.37
C GLN B 141 -18.15 11.75 -8.22
N ILE B 142 -17.37 11.60 -9.28
CA ILE B 142 -15.96 12.17 -9.31
C ILE B 142 -16.02 13.64 -9.84
N SER B 143 -16.88 13.89 -10.85
CA SER B 143 -16.88 15.12 -11.64
C SER B 143 -17.91 16.19 -11.24
N ARG B 144 -18.57 15.87 -10.11
CA ARG B 144 -19.67 16.63 -9.51
C ARG B 144 -19.32 18.06 -9.14
N SER B 145 -18.02 18.40 -9.06
CA SER B 145 -17.67 19.77 -8.70
C SER B 145 -17.07 20.58 -9.87
N LEU B 146 -16.89 19.99 -11.07
CA LEU B 146 -16.32 20.72 -12.22
C LEU B 146 -17.06 22.04 -12.53
N ALA B 147 -18.39 21.97 -12.37
CA ALA B 147 -19.20 23.17 -12.64
C ALA B 147 -19.48 24.07 -11.42
N ASP B 148 -18.80 23.86 -10.30
CA ASP B 148 -19.02 24.68 -9.13
C ASP B 148 -18.65 26.13 -9.39
N PRO B 149 -19.40 27.10 -8.83
CA PRO B 149 -19.05 28.52 -9.07
C PRO B 149 -17.68 28.95 -8.47
N ARG B 150 -17.24 28.14 -7.50
CA ARG B 150 -15.91 28.42 -6.85
C ARG B 150 -14.87 27.82 -7.70
N ALA B 151 -15.20 27.15 -8.83
CA ALA B 151 -14.08 26.62 -9.72
C ALA B 151 -14.12 27.30 -11.09
N THR B 152 -12.94 27.44 -11.71
CA THR B 152 -12.80 27.82 -13.10
C THR B 152 -11.98 26.75 -13.77
N VAL B 153 -12.59 26.07 -14.74
CA VAL B 153 -11.98 24.99 -15.45
C VAL B 153 -11.56 25.46 -16.83
N ARG B 154 -10.26 25.32 -17.15
CA ARG B 154 -9.76 25.69 -18.48
C ARG B 154 -9.03 24.52 -19.14
N VAL B 155 -9.08 24.49 -20.47
CA VAL B 155 -8.41 23.41 -21.24
C VAL B 155 -7.14 23.97 -21.80
N GLY B 156 -6.00 23.51 -21.29
CA GLY B 156 -4.71 23.89 -21.82
C GLY B 156 -3.57 23.24 -21.10
N ASP B 157 -2.35 23.43 -21.63
CA ASP B 157 -1.16 22.88 -21.03
C ASP B 157 -0.82 23.59 -19.73
N GLY B 158 -0.68 22.84 -18.59
CA GLY B 158 -0.28 23.51 -17.35
C GLY B 158 1.06 24.19 -17.39
N LEU B 159 1.96 23.71 -18.22
CA LEU B 159 3.26 24.37 -18.28
C LEU B 159 3.10 25.86 -18.73
N ALA B 160 2.23 26.07 -19.72
CA ALA B 160 1.94 27.44 -20.24
C ALA B 160 1.18 28.27 -19.19
N PHE B 161 0.19 27.62 -18.57
CA PHE B 161 -0.61 28.32 -17.59
C PHE B 161 0.24 28.90 -16.44
N VAL B 162 1.15 28.10 -15.90
CA VAL B 162 1.99 28.54 -14.79
C VAL B 162 2.95 29.62 -15.22
N ARG B 163 3.47 29.48 -16.47
CA ARG B 163 4.39 30.54 -16.98
C ARG B 163 3.67 31.90 -17.12
N GLN B 164 2.36 31.87 -17.44
CA GLN B 164 1.57 33.11 -17.62
C GLN B 164 1.09 33.70 -16.29
N THR B 165 0.95 32.85 -15.26
CA THR B 165 0.38 33.28 -14.03
C THR B 165 1.35 34.18 -13.28
N PRO B 166 0.85 35.27 -12.73
CA PRO B 166 1.72 36.19 -12.00
C PRO B 166 2.28 35.61 -10.72
N ASP B 167 3.38 36.21 -10.28
CA ASP B 167 3.94 35.88 -8.97
C ASP B 167 2.92 35.98 -7.84
N ASN B 168 3.05 35.12 -6.84
CA ASN B 168 2.26 35.28 -5.65
C ASN B 168 0.76 35.27 -5.80
N THR B 169 0.26 34.28 -6.55
CA THR B 169 -1.18 34.17 -6.93
C THR B 169 -1.83 33.12 -6.05
N TYR B 170 -1.13 31.99 -5.80
CA TYR B 170 -1.87 30.82 -5.16
C TYR B 170 -1.38 30.45 -3.80
N ASP B 171 -2.29 30.02 -2.93
CA ASP B 171 -1.89 29.43 -1.67
C ASP B 171 -1.49 27.97 -1.84
N VAL B 172 -2.15 27.19 -2.72
CA VAL B 172 -1.85 25.78 -2.89
C VAL B 172 -1.85 25.48 -4.39
N VAL B 173 -0.88 24.68 -4.86
CA VAL B 173 -0.88 24.22 -6.25
C VAL B 173 -0.76 22.68 -6.15
N ILE B 174 -1.74 22.04 -6.76
CA ILE B 174 -1.84 20.54 -6.81
C ILE B 174 -1.62 20.07 -8.22
N ILE B 175 -0.60 19.23 -8.42
CA ILE B 175 -0.18 18.84 -9.75
C ILE B 175 -0.65 17.41 -9.97
N ASP B 176 -1.91 17.22 -10.43
CA ASP B 176 -2.48 15.89 -10.48
C ASP B 176 -2.36 15.36 -11.93
N THR B 177 -1.16 14.86 -12.25
CA THR B 177 -0.88 14.52 -13.66
C THR B 177 -0.83 13.02 -13.93
N THR B 178 -0.89 12.69 -15.23
CA THR B 178 -0.42 11.39 -15.68
C THR B 178 1.11 11.25 -15.52
N ASP B 179 1.61 10.05 -15.84
CA ASP B 179 3.05 9.71 -15.73
C ASP B 179 4.00 10.57 -16.63
N PRO B 180 5.34 10.46 -16.48
CA PRO B 180 6.19 11.33 -17.25
C PRO B 180 6.34 11.04 -18.76
N ALA B 181 5.71 10.00 -19.28
CA ALA B 181 6.02 9.58 -20.69
C ALA B 181 5.40 10.45 -21.82
N GLY B 182 4.14 10.78 -21.61
CA GLY B 182 3.23 11.50 -22.47
C GLY B 182 3.12 13.02 -22.18
N PRO B 183 1.90 13.60 -22.31
CA PRO B 183 1.82 15.08 -22.32
C PRO B 183 2.26 15.68 -20.95
N ALA B 184 2.36 14.87 -19.89
CA ALA B 184 2.81 15.43 -18.63
C ALA B 184 4.33 15.54 -18.52
N SER B 185 5.07 15.16 -19.59
CA SER B 185 6.53 15.01 -19.45
C SER B 185 7.26 16.20 -18.77
N LYS B 186 7.02 17.44 -19.24
CA LYS B 186 7.72 18.62 -18.70
C LYS B 186 7.22 18.98 -17.29
N LEU B 187 6.06 18.42 -16.90
CA LEU B 187 5.51 18.70 -15.54
C LEU B 187 6.27 17.96 -14.44
N PHE B 188 7.19 17.10 -14.87
CA PHE B 188 8.12 16.41 -13.95
C PHE B 188 9.51 17.00 -13.95
N GLY B 189 9.63 18.19 -14.57
CA GLY B 189 10.90 18.94 -14.79
C GLY B 189 11.14 20.23 -13.96
N GLU B 190 12.39 20.64 -13.87
CA GLU B 190 12.82 21.71 -13.01
C GLU B 190 12.27 23.03 -13.42
N ALA B 191 12.19 23.23 -14.73
CA ALA B 191 11.67 24.48 -15.27
C ALA B 191 10.25 24.79 -14.77
N PHE B 192 9.43 23.75 -14.75
CA PHE B 192 8.05 23.87 -14.37
C PHE B 192 8.00 24.17 -12.88
N TYR B 193 8.74 23.40 -12.07
CA TYR B 193 8.71 23.64 -10.59
C TYR B 193 9.19 25.06 -10.21
N LYS B 194 10.11 25.61 -11.04
CA LYS B 194 10.46 27.05 -10.89
C LYS B 194 9.31 27.97 -10.90
N ASP B 195 8.46 27.78 -11.91
CA ASP B 195 7.25 28.55 -12.03
C ASP B 195 6.27 28.26 -10.95
N VAL B 196 6.14 26.99 -10.52
CA VAL B 196 5.19 26.74 -9.42
C VAL B 196 5.68 27.51 -8.16
N LEU B 197 7.01 27.53 -7.87
CA LEU B 197 7.51 28.18 -6.69
C LEU B 197 7.20 29.68 -6.80
N ARG B 198 7.37 30.24 -8.01
CA ARG B 198 7.11 31.66 -8.25
C ARG B 198 5.63 32.10 -8.09
N ILE B 199 4.73 31.21 -8.55
CA ILE B 199 3.29 31.56 -8.49
C ILE B 199 2.69 31.34 -7.13
N LEU B 200 3.36 30.60 -6.26
CA LEU B 200 2.94 30.47 -4.87
C LEU B 200 3.16 31.72 -4.08
N LYS B 201 2.22 32.07 -3.20
CA LYS B 201 2.46 33.12 -2.18
C LYS B 201 3.55 32.61 -1.20
N PRO B 202 4.07 33.52 -0.35
CA PRO B 202 5.22 33.10 0.48
C PRO B 202 4.96 31.89 1.39
N ASP B 203 3.73 31.71 1.88
CA ASP B 203 3.44 30.57 2.67
C ASP B 203 2.74 29.44 1.87
N GLY B 204 3.04 29.38 0.55
CA GLY B 204 2.41 28.37 -0.34
C GLY B 204 2.81 26.94 -0.07
N ILE B 205 1.98 26.02 -0.55
CA ILE B 205 2.22 24.58 -0.50
C ILE B 205 1.96 24.05 -1.89
N CYS B 206 2.74 23.06 -2.31
CA CYS B 206 2.37 22.34 -3.49
C CYS B 206 2.47 20.86 -3.27
N CYS B 207 1.65 20.11 -3.99
CA CYS B 207 1.90 18.71 -4.01
C CYS B 207 1.69 18.14 -5.41
N ASN B 208 2.07 16.90 -5.59
CA ASN B 208 1.98 16.37 -6.96
C ASN B 208 1.60 14.90 -7.01
N GLN B 209 1.62 14.34 -8.22
CA GLN B 209 1.44 12.87 -8.39
C GLN B 209 2.89 12.43 -8.39
N GLY B 210 3.27 11.73 -7.30
CA GLY B 210 4.69 11.60 -6.94
C GLY B 210 5.16 10.16 -7.20
N GLU B 211 4.36 9.33 -7.90
CA GLU B 211 4.80 8.04 -8.40
C GLU B 211 5.12 7.05 -7.26
N SER B 212 5.71 5.92 -7.65
CA SER B 212 5.80 4.70 -6.81
C SER B 212 7.18 4.52 -6.22
N ILE B 213 7.24 4.20 -4.94
CA ILE B 213 8.56 3.85 -4.33
C ILE B 213 9.14 2.52 -4.75
N TRP B 214 8.31 1.69 -5.34
CA TRP B 214 8.72 0.31 -5.74
C TRP B 214 9.23 0.39 -7.19
N LEU B 215 8.69 1.33 -7.97
CA LEU B 215 9.03 1.41 -9.44
C LEU B 215 9.78 2.66 -9.88
N ASP B 216 9.65 3.76 -9.15
CA ASP B 216 10.19 5.08 -9.58
C ASP B 216 11.05 5.73 -8.52
N LEU B 217 11.73 4.93 -7.67
CA LEU B 217 12.42 5.54 -6.57
C LEU B 217 13.46 6.58 -7.06
N GLU B 218 14.09 6.27 -8.17
CA GLU B 218 15.16 7.15 -8.68
C GLU B 218 14.63 8.52 -9.17
N LEU B 219 13.48 8.46 -9.86
CA LEU B 219 12.70 9.65 -10.26
C LEU B 219 12.25 10.44 -9.00
N ILE B 220 11.71 9.76 -7.99
CA ILE B 220 11.29 10.48 -6.76
C ILE B 220 12.44 11.18 -6.12
N GLU B 221 13.63 10.52 -6.10
CA GLU B 221 14.78 11.19 -5.52
C GLU B 221 15.21 12.40 -6.34
N LYS B 222 15.16 12.26 -7.64
CA LYS B 222 15.52 13.36 -8.53
C LYS B 222 14.55 14.52 -8.38
N MET B 223 13.26 14.26 -8.43
CA MET B 223 12.36 15.43 -8.18
C MET B 223 12.53 16.10 -6.84
N SER B 224 12.62 15.31 -5.78
CA SER B 224 12.88 15.85 -4.42
C SER B 224 14.08 16.80 -4.36
N ARG B 225 15.16 16.36 -5.00
CA ARG B 225 16.39 17.23 -5.03
C ARG B 225 16.22 18.56 -5.77
N PHE B 226 15.62 18.50 -6.95
CA PHE B 226 15.54 19.74 -7.74
C PHE B 226 14.41 20.67 -7.29
N ILE B 227 13.40 20.06 -6.65
CA ILE B 227 12.39 20.91 -5.99
C ILE B 227 13.06 21.71 -4.84
N ARG B 228 13.86 21.05 -4.01
CA ARG B 228 14.62 21.75 -2.97
C ARG B 228 15.57 22.78 -3.58
N GLU B 229 16.21 22.40 -4.69
CA GLU B 229 17.16 23.32 -5.36
C GLU B 229 16.48 24.53 -6.01
N THR B 230 15.23 24.37 -6.51
CA THR B 230 14.50 25.50 -7.06
C THR B 230 14.26 26.61 -5.97
N GLY B 231 14.28 26.23 -4.72
CA GLY B 231 13.98 27.13 -3.61
C GLY B 231 12.89 26.74 -2.63
N PHE B 232 12.27 25.57 -2.83
CA PHE B 232 11.30 25.14 -1.81
C PHE B 232 12.02 24.74 -0.50
N ALA B 233 11.51 25.18 0.64
CA ALA B 233 12.24 24.95 1.89
C ALA B 233 12.22 23.49 2.31
N SER B 234 11.14 22.76 1.99
CA SER B 234 11.02 21.35 2.45
C SER B 234 10.18 20.59 1.43
N VAL B 235 10.47 19.29 1.26
CA VAL B 235 9.78 18.37 0.34
C VAL B 235 9.70 17.07 1.12
N GLN B 236 8.45 16.56 1.26
CA GLN B 236 8.30 15.26 1.95
C GLN B 236 7.33 14.43 1.10
N TYR B 237 7.65 13.14 0.99
CA TYR B 237 6.73 12.20 0.23
C TYR B 237 5.77 11.47 1.15
N ALA B 238 4.51 11.56 0.79
CA ALA B 238 3.43 10.84 1.50
C ALA B 238 2.98 9.67 0.67
N LEU B 239 2.97 8.51 1.29
CA LEU B 239 2.63 7.25 0.63
C LEU B 239 1.19 6.91 0.97
N MET B 240 0.50 6.37 -0.02
CA MET B 240 -0.91 5.97 0.19
C MET B 240 -1.26 4.67 -0.53
N HIS B 241 -2.31 4.06 -0.04
CA HIS B 241 -2.78 2.66 -0.50
C HIS B 241 -3.83 2.78 -1.58
N VAL B 242 -3.43 2.47 -2.80
CA VAL B 242 -4.40 2.53 -3.94
C VAL B 242 -4.31 1.21 -4.71
N PRO B 243 -5.28 0.31 -4.46
CA PRO B 243 -5.15 -1.02 -5.12
C PRO B 243 -4.99 -1.05 -6.61
N THR B 244 -5.52 -0.05 -7.31
CA THR B 244 -5.48 -0.13 -8.78
C THR B 244 -4.42 0.73 -9.40
N TYR B 245 -3.49 1.27 -8.60
CA TYR B 245 -2.32 1.84 -9.15
C TYR B 245 -1.20 0.81 -9.13
N PRO B 246 -0.18 1.01 -10.01
CA PRO B 246 0.87 -0.07 -10.08
C PRO B 246 1.55 -0.40 -8.72
N CYS B 247 1.55 -1.67 -8.35
CA CYS B 247 2.17 -2.14 -7.10
C CYS B 247 1.32 -1.72 -5.90
N GLY B 248 0.10 -1.13 -6.12
CA GLY B 248 -0.85 -0.96 -5.05
C GLY B 248 -0.67 0.26 -4.15
N SER B 249 0.22 1.15 -4.59
CA SER B 249 0.36 2.41 -3.90
C SER B 249 0.85 3.46 -4.83
N ILE B 250 0.84 4.67 -4.33
CA ILE B 250 1.42 5.83 -5.06
C ILE B 250 1.73 6.87 -3.98
N GLY B 251 2.42 7.94 -4.36
CA GLY B 251 2.72 8.96 -3.34
C GLY B 251 2.49 10.32 -3.91
N THR B 252 2.76 11.28 -3.05
CA THR B 252 2.72 12.69 -3.42
C THR B 252 3.91 13.37 -2.71
N LEU B 253 4.61 14.24 -3.47
CA LEU B 253 5.61 15.07 -2.79
C LEU B 253 4.89 16.30 -2.35
N VAL B 254 4.93 16.55 -1.03
CA VAL B 254 4.26 17.73 -0.42
C VAL B 254 5.33 18.74 -0.07
N CYS B 255 5.22 19.92 -0.66
CA CYS B 255 6.39 20.85 -0.67
C CYS B 255 6.01 22.20 -0.10
N SER B 256 6.87 22.76 0.76
CA SER B 256 6.61 24.05 1.41
C SER B 256 7.51 25.12 0.85
N LYS B 257 6.94 26.23 0.36
CA LYS B 257 7.75 27.35 -0.12
C LYS B 257 8.55 27.94 1.10
N LYS B 258 7.83 28.16 2.16
CA LYS B 258 8.44 28.69 3.39
C LYS B 258 9.14 27.69 4.26
N ALA B 259 10.23 28.13 4.90
CA ALA B 259 10.88 27.34 5.92
C ALA B 259 10.08 27.27 7.21
N GLY B 260 10.43 26.28 8.07
CA GLY B 260 9.78 26.10 9.34
C GLY B 260 8.41 25.51 9.28
N VAL B 261 8.10 24.90 8.13
CA VAL B 261 6.78 24.27 8.01
C VAL B 261 6.99 22.75 8.07
N ASP B 262 6.28 22.09 8.96
CA ASP B 262 6.29 20.61 9.04
C ASP B 262 5.03 20.09 8.40
N VAL B 263 5.12 19.86 7.09
CA VAL B 263 3.87 19.37 6.39
C VAL B 263 3.46 18.01 6.88
N THR B 264 4.34 17.28 7.67
CA THR B 264 3.98 15.89 7.99
C THR B 264 3.00 15.78 9.17
N LYS B 265 2.87 16.89 9.91
CA LYS B 265 1.98 16.93 11.05
C LYS B 265 0.94 17.99 10.69
N PRO B 266 -0.37 17.68 10.71
CA PRO B 266 -1.36 18.60 10.16
C PRO B 266 -1.31 19.93 10.93
N LEU B 267 -1.25 20.99 10.17
CA LEU B 267 -1.34 22.39 10.75
C LEU B 267 -2.75 22.68 11.15
N ARG B 268 -3.72 22.32 10.34
CA ARG B 268 -5.15 22.57 10.64
C ARG B 268 -5.84 21.20 10.55
N PRO B 269 -5.91 20.46 11.63
CA PRO B 269 -6.44 19.14 11.55
C PRO B 269 -7.82 19.12 10.95
N VAL B 270 -8.09 18.13 10.15
CA VAL B 270 -9.41 18.05 9.54
C VAL B 270 -10.48 17.73 10.54
N GLU B 271 -10.11 17.20 11.72
CA GLU B 271 -11.13 16.78 12.67
C GLU B 271 -11.88 18.00 13.20
N ASP B 272 -11.27 19.17 13.12
CA ASP B 272 -11.94 20.43 13.55
C ASP B 272 -12.73 21.03 12.39
N MET B 273 -12.95 20.26 11.33
CA MET B 273 -13.72 20.69 10.16
C MET B 273 -15.03 19.90 10.05
N PRO B 274 -16.08 20.55 9.54
CA PRO B 274 -17.37 19.88 9.53
C PRO B 274 -17.49 18.69 8.58
N PHE B 275 -16.51 18.51 7.65
CA PHE B 275 -16.65 17.47 6.65
C PHE B 275 -15.74 16.23 6.91
N ALA B 276 -15.08 16.26 8.08
CA ALA B 276 -14.14 15.17 8.43
C ALA B 276 -14.82 13.85 8.37
N LYS B 277 -16.07 13.80 8.86
CA LYS B 277 -16.77 12.53 8.87
C LYS B 277 -17.25 12.04 7.53
N ASP B 278 -17.20 12.87 6.49
CA ASP B 278 -17.58 12.48 5.17
C ASP B 278 -16.46 11.76 4.42
N LEU B 279 -15.24 11.83 4.98
CA LEU B 279 -14.12 11.24 4.22
C LEU B 279 -14.03 9.71 4.42
N LYS B 280 -13.60 8.98 3.39
CA LYS B 280 -13.48 7.49 3.41
C LYS B 280 -12.10 6.99 3.71
N TYR B 281 -11.04 7.82 3.58
CA TYR B 281 -9.66 7.39 3.82
C TYR B 281 -8.91 8.29 4.75
N TYR B 282 -8.85 9.56 4.42
CA TYR B 282 -8.05 10.52 5.17
C TYR B 282 -8.53 10.98 6.50
N ASP B 283 -7.58 11.05 7.46
CA ASP B 283 -7.76 11.77 8.72
C ASP B 283 -6.40 12.15 9.23
N SER B 284 -6.29 12.80 10.37
CA SER B 284 -4.98 13.20 10.81
C SER B 284 -4.04 12.06 11.11
N GLU B 285 -4.56 10.94 11.63
CA GLU B 285 -3.63 9.83 11.96
C GLU B 285 -3.08 9.30 10.62
N MET B 286 -3.92 9.27 9.61
CA MET B 286 -3.47 8.74 8.29
C MET B 286 -2.50 9.78 7.69
N HIS B 287 -2.75 11.05 7.83
CA HIS B 287 -1.81 12.09 7.35
C HIS B 287 -0.47 11.86 7.98
N LYS B 288 -0.41 11.74 9.31
CA LYS B 288 0.93 11.59 9.92
C LYS B 288 1.55 10.24 9.48
N ALA B 289 0.75 9.16 9.39
CA ALA B 289 1.33 7.88 9.05
C ALA B 289 1.89 7.88 7.63
N SER B 290 1.34 8.72 6.74
CA SER B 290 1.68 8.59 5.29
C SER B 290 3.14 8.97 5.04
N PHE B 291 3.74 9.78 5.94
CA PHE B 291 5.12 10.19 5.73
C PHE B 291 6.12 9.22 6.27
N ALA B 292 5.65 8.13 6.91
CA ALA B 292 6.55 7.11 7.39
C ALA B 292 6.77 6.19 6.21
N LEU B 293 8.05 6.05 5.78
CA LEU B 293 8.33 5.22 4.59
C LEU B 293 9.15 3.97 4.99
N PRO B 294 8.89 2.87 4.27
CA PRO B 294 9.77 1.70 4.41
C PRO B 294 11.27 2.14 4.44
N ARG B 295 12.04 1.46 5.29
CA ARG B 295 13.46 1.80 5.51
C ARG B 295 14.20 2.02 4.22
N PHE B 296 13.92 1.19 3.19
CA PHE B 296 14.69 1.34 1.92
C PHE B 296 14.40 2.63 1.20
N ALA B 297 13.25 3.26 1.51
CA ALA B 297 12.88 4.54 0.89
C ALA B 297 13.00 5.76 1.84
N ARG B 298 13.38 5.55 3.08
CA ARG B 298 13.30 6.61 4.07
C ARG B 298 14.19 7.80 3.76
N HIS B 299 15.29 7.57 3.03
CA HIS B 299 16.16 8.71 2.63
C HIS B 299 15.42 9.78 1.81
N ILE B 300 14.28 9.44 1.15
CA ILE B 300 13.56 10.47 0.43
C ILE B 300 13.13 11.58 1.43
N ASN B 301 12.79 11.21 2.68
CA ASN B 301 12.21 12.15 3.66
C ASN B 301 13.19 12.66 4.72
N ASN B 302 14.39 12.06 4.74
CA ASN B 302 15.38 12.04 5.85
C ASN B 302 15.15 10.97 6.90
CA S4M C . 4.73 -15.88 3.63
N S4M C . 5.70 -16.49 4.60
CB S4M C . 4.10 -16.99 2.81
CG S4M C . 3.05 -17.77 3.54
SD S4M C . 3.68 -19.37 4.31
CE S4M C . 4.23 -20.10 2.71
C5' S4M C . 2.00 -20.14 4.60
C4' S4M C . 2.22 -21.57 5.03
O4' S4M C . 1.05 -21.96 5.76
C1' S4M C . 1.08 -23.38 5.81
C2' S4M C . 1.42 -23.68 4.30
O2' S4M C . 1.80 -25.05 4.18
C3' S4M C . 2.40 -22.63 3.93
O3' S4M C . 3.79 -23.09 3.77
N9 S4M C . -0.13 -24.00 6.32
C8 S4M C . -1.38 -24.03 5.72
N7 S4M C . -2.16 -24.71 6.53
C5 S4M C . -1.52 -25.08 7.68
C6 S4M C . -1.84 -25.78 8.84
N6 S4M C . -3.12 -26.29 9.07
C4 S4M C . -0.21 -24.68 7.51
N3 S4M C . 0.70 -24.80 8.47
C2 S4M C . 0.34 -25.52 9.54
N1 S4M C . -0.92 -26.01 9.76
CA S4M D . -6.40 10.92 -10.72
N S4M D . -7.12 12.25 -10.69
CB S4M D . -6.03 10.64 -12.16
CG S4M D . -5.07 11.66 -12.71
SD S4M D . -5.79 12.92 -13.87
CE S4M D . -6.69 11.85 -15.09
C5' S4M D . -4.31 13.21 -14.88
C4' S4M D . -4.55 14.39 -15.82
O4' S4M D . -3.26 14.93 -16.22
C1' S4M D . -3.60 15.66 -17.41
C2' S4M D . -4.33 14.58 -18.25
O2' S4M D . -5.07 15.10 -19.42
C3' S4M D . -5.16 13.91 -17.16
O3' S4M D . -6.60 14.17 -17.25
N9 S4M D . -2.40 16.22 -18.04
C8 S4M D . -1.39 15.53 -18.66
N7 S4M D . -0.51 16.35 -19.13
C5 S4M D . -0.90 17.64 -18.81
C6 S4M D . -0.41 18.89 -19.09
N6 S4M D . 0.79 19.12 -19.79
C4 S4M D . -2.11 17.54 -18.15
N3 S4M D . -2.84 18.57 -17.68
C2 S4M D . -2.26 19.77 -17.97
N1 S4M D . -1.10 19.95 -18.64
#